data_9CJ9
#
_entry.id   9CJ9
#
_cell.length_a   98.080
_cell.length_b   98.080
_cell.length_c   78.660
_cell.angle_alpha   90.00
_cell.angle_beta   90.00
_cell.angle_gamma   120.00
#
_symmetry.space_group_name_H-M   'P 61'
#
loop_
_entity.id
_entity.type
_entity.pdbx_description
1 polymer 'DNA polymerase eta'
2 polymer "DNA (5'-D(*CP*AP*TP*(TFT)P*AP*TP*GP*AP*CP*GP*CP*T)-3')"
3 polymer "DNA (5'-D(*AP*GP*CP*GP*TP*CP*AP*T)-3')"
4 non-polymer "2'-deoxy-5'-O-[(R)-hydroxy{[(R)-hydroxy(phosphonooxy)phosphoryl]amino}phosphoryl]adenosine"
5 non-polymer 'MAGNESIUM ION'
6 water water
#
loop_
_entity_poly.entity_id
_entity_poly.type
_entity_poly.pdbx_seq_one_letter_code
_entity_poly.pdbx_strand_id
1 'polypeptide(L)'
;GPHMATGQDRVVALVDMDCFFVQVEQRQNPHLRNKPCAVVQYKSWKGGGIIAVSYEARAFGVTRSMWADDAKKLCPDLLL
AQVRESRGKANLTKYREASVEVMEIMSRFAVIERASIDEAYVDLTSAVQERLQKLQGQPISADLLPSTYIEGLPQGPTTA
EETVQKEGMRKQGLFQWLDSLQIDNLTSPDLQLTVGAVIVEEMRAAIERETGFQCSAGISHNKVLAKLACGLNKPNRQTL
VSHGSVPQLFSQMPIRKIRSLGGKLGASVIEILGIEYMGELTQFTESQLQSHFGEKNGSWLYAMCRGIEHDPVKPRQLPK
TIGCSKNFPGKTALATREQVQWWLLQLAQELEERLTKDRNDNDRVATQLVVSIRVQGDKRLSSLRRCCALTRYDAHKMSH
DAFTVIKNCNTSGIQTEWSPPLTMLFLCATKFSAS
;
A
2 'polydeoxyribonucleotide' (DC)(DA)(DT)(A1A0L)(DA)(DT)(DG)(DA)(DC)(DG)(DC)(DT) T
3 'polydeoxyribonucleotide' (DA)(DG)(DC)(DG)(DT)(DC)(DA)(DT) P
#
loop_
_chem_comp.id
_chem_comp.type
_chem_comp.name
_chem_comp.formula
A1A0L DNA linking 1-{(2R,3R,4S)-3-hydroxy-4-[(trihydroxy-lambda~5~-phosphanyl)oxy]oxolan-2-yl}-4-methoxy-5-methylpyrimidin-2(1H)-one 'C10 H15 N2 O8 P'
DA DNA linking 2'-DEOXYADENOSINE-5'-MONOPHOSPHATE 'C10 H14 N5 O6 P'
DC DNA linking 2'-DEOXYCYTIDINE-5'-MONOPHOSPHATE 'C9 H14 N3 O7 P'
DG DNA linking 2'-DEOXYGUANOSINE-5'-MONOPHOSPHATE 'C10 H14 N5 O7 P'
DT DNA linking THYMIDINE-5'-MONOPHOSPHATE 'C10 H15 N2 O8 P'
DZ4 non-polymer 2'-deoxy-5'-O-[(R)-hydroxy{[(R)-hydroxy(phosphonooxy)phosphoryl]amino}phosphoryl]adenosine 'C10 H17 N6 O11 P3'
MG non-polymer 'MAGNESIUM ION' 'Mg 2'
#
# COMPACT_ATOMS: atom_id res chain seq x y z
N ALA A 5 30.90 3.07 -3.07
CA ALA A 5 29.49 2.99 -3.48
C ALA A 5 28.97 1.62 -3.17
N THR A 6 27.75 1.56 -2.67
CA THR A 6 27.15 0.27 -2.34
C THR A 6 25.65 0.34 -2.52
N GLY A 7 25.01 1.37 -1.96
CA GLY A 7 23.57 1.32 -1.80
C GLY A 7 23.09 0.24 -0.85
N GLN A 8 24.01 -0.48 -0.22
CA GLN A 8 23.75 -1.40 0.88
C GLN A 8 23.89 -0.71 2.23
N ASP A 9 23.84 0.62 2.25
CA ASP A 9 24.06 1.33 3.50
C ASP A 9 22.95 1.05 4.50
N ARG A 10 21.69 1.13 4.08
CA ARG A 10 20.56 0.97 4.99
C ARG A 10 20.02 -0.45 4.98
N VAL A 11 19.24 -0.76 6.01
CA VAL A 11 18.41 -1.95 6.05
C VAL A 11 16.96 -1.50 6.19
N VAL A 12 16.11 -1.93 5.25
CA VAL A 12 14.74 -1.45 5.16
C VAL A 12 13.83 -2.64 4.84
N ALA A 13 12.64 -2.65 5.44
CA ALA A 13 11.68 -3.73 5.30
C ALA A 13 10.31 -3.19 4.91
N LEU A 14 9.52 -4.04 4.26
CA LEU A 14 8.17 -3.71 3.86
C LEU A 14 7.26 -4.87 4.28
N VAL A 15 6.54 -4.67 5.38
CA VAL A 15 5.54 -5.62 5.83
C VAL A 15 4.21 -5.23 5.21
N ASP A 16 3.29 -6.18 5.18
CA ASP A 16 2.08 -6.09 4.40
C ASP A 16 1.19 -7.27 4.77
N MET A 17 -0.10 -7.03 5.02
CA MET A 17 -1.00 -8.08 5.47
C MET A 17 -1.50 -8.89 4.29
N ASP A 18 -1.49 -10.21 4.44
CA ASP A 18 -2.01 -11.10 3.40
C ASP A 18 -3.54 -10.98 3.37
N CYS A 19 -4.06 -10.50 2.23
CA CYS A 19 -5.46 -10.08 2.01
C CYS A 19 -6.09 -9.45 3.24
N PHE A 20 -5.81 -8.17 3.47
CA PHE A 20 -6.10 -7.58 4.77
C PHE A 20 -7.59 -7.67 5.10
N PHE A 21 -8.44 -7.06 4.27
CA PHE A 21 -9.85 -6.91 4.61
C PHE A 21 -10.51 -8.26 4.87
N VAL A 22 -10.14 -9.27 4.09
CA VAL A 22 -10.60 -10.63 4.34
C VAL A 22 -10.23 -11.07 5.75
N GLN A 23 -8.98 -10.80 6.16
CA GLN A 23 -8.57 -11.18 7.52
C GLN A 23 -9.39 -10.47 8.59
N VAL A 24 -9.78 -9.21 8.36
CA VAL A 24 -10.57 -8.47 9.33
C VAL A 24 -12.00 -9.01 9.41
N GLU A 25 -12.58 -9.32 8.24
CA GLU A 25 -13.88 -10.00 8.22
C GLU A 25 -13.79 -11.38 8.85
N GLN A 26 -12.69 -12.10 8.61
CA GLN A 26 -12.62 -13.46 9.09
C GLN A 26 -12.50 -13.50 10.60
N ARG A 27 -11.97 -12.45 11.22
CA ARG A 27 -11.90 -12.47 12.67
C ARG A 27 -13.23 -12.12 13.32
N GLN A 28 -14.31 -12.00 12.54
CA GLN A 28 -15.64 -12.01 13.13
C GLN A 28 -16.52 -13.08 12.51
N ASN A 29 -16.33 -13.44 11.24
CA ASN A 29 -17.10 -14.55 10.69
C ASN A 29 -16.24 -15.81 10.61
N PRO A 30 -16.31 -16.71 11.60
CA PRO A 30 -15.46 -17.91 11.56
C PRO A 30 -15.75 -18.85 10.39
N HIS A 31 -16.95 -18.78 9.81
CA HIS A 31 -17.26 -19.53 8.61
C HIS A 31 -16.34 -19.16 7.44
N LEU A 32 -15.72 -17.98 7.50
CA LEU A 32 -14.87 -17.53 6.40
C LEU A 32 -13.49 -18.17 6.47
N ARG A 33 -13.11 -18.68 7.63
CA ARG A 33 -11.74 -19.17 7.79
C ARG A 33 -11.53 -20.46 7.02
N ASN A 34 -10.37 -20.57 6.37
CA ASN A 34 -10.03 -21.67 5.47
C ASN A 34 -11.16 -21.93 4.48
N LYS A 35 -11.61 -20.85 3.85
CA LYS A 35 -12.69 -20.83 2.86
C LYS A 35 -12.37 -19.76 1.85
N PRO A 36 -12.76 -19.95 0.59
CA PRO A 36 -12.40 -19.00 -0.48
C PRO A 36 -13.34 -17.81 -0.67
N CYS A 37 -12.96 -16.65 -0.10
CA CYS A 37 -13.85 -15.50 0.03
C CYS A 37 -13.31 -14.29 -0.69
N ALA A 38 -14.22 -13.34 -0.91
CA ALA A 38 -13.95 -11.99 -1.37
C ALA A 38 -14.63 -11.01 -0.43
N VAL A 39 -14.46 -9.71 -0.71
CA VAL A 39 -15.07 -8.66 0.09
C VAL A 39 -15.62 -7.60 -0.85
N VAL A 40 -16.95 -7.45 -0.88
CA VAL A 40 -17.69 -6.71 -1.90
C VAL A 40 -18.03 -5.30 -1.40
N GLN A 41 -18.10 -4.35 -2.33
CA GLN A 41 -18.43 -2.95 -2.06
C GLN A 41 -19.71 -2.59 -2.77
N TYR A 42 -20.68 -2.04 -2.01
CA TYR A 42 -22.06 -1.88 -2.47
C TYR A 42 -22.60 -3.19 -3.01
N LYS A 43 -23.77 -3.18 -3.67
CA LYS A 43 -24.41 -4.46 -3.91
C LYS A 43 -25.46 -4.48 -5.03
N SER A 44 -25.57 -3.40 -5.79
CA SER A 44 -26.60 -3.42 -6.83
C SER A 44 -26.00 -3.79 -8.18
N TRP A 45 -25.12 -2.92 -8.69
CA TRP A 45 -24.55 -3.01 -10.04
C TRP A 45 -23.58 -4.19 -10.12
N LYS A 46 -24.02 -5.28 -10.73
CA LYS A 46 -23.20 -6.47 -10.88
C LYS A 46 -22.80 -7.06 -9.53
N GLY A 47 -23.67 -6.87 -8.53
CA GLY A 47 -23.49 -7.45 -7.23
C GLY A 47 -22.52 -6.75 -6.32
N GLY A 48 -21.71 -5.82 -6.84
CA GLY A 48 -20.76 -5.08 -6.03
C GLY A 48 -19.30 -5.31 -6.38
N GLY A 49 -18.57 -4.24 -6.66
CA GLY A 49 -17.16 -4.30 -6.96
C GLY A 49 -16.31 -4.91 -5.85
N ILE A 50 -15.65 -6.03 -6.19
CA ILE A 50 -14.80 -6.77 -5.26
C ILE A 50 -13.49 -6.03 -5.08
N ILE A 51 -13.14 -5.73 -3.83
CA ILE A 51 -11.92 -4.98 -3.51
C ILE A 51 -10.82 -5.89 -2.96
N ALA A 52 -11.13 -6.69 -1.94
CA ALA A 52 -10.21 -7.64 -1.36
C ALA A 52 -10.67 -9.06 -1.72
N VAL A 53 -9.70 -9.98 -1.75
CA VAL A 53 -9.88 -11.35 -2.22
C VAL A 53 -8.99 -12.26 -1.39
N SER A 54 -9.59 -13.29 -0.78
CA SER A 54 -8.81 -14.32 -0.10
C SER A 54 -7.94 -15.09 -1.10
N TYR A 55 -6.92 -15.78 -0.56
CA TYR A 55 -6.02 -16.56 -1.40
C TYR A 55 -6.60 -17.90 -1.85
N GLU A 56 -7.60 -18.43 -1.13
CA GLU A 56 -8.30 -19.61 -1.61
C GLU A 56 -9.25 -19.27 -2.76
N ALA A 57 -9.78 -18.03 -2.78
CA ALA A 57 -10.59 -17.55 -3.90
C ALA A 57 -9.73 -17.08 -5.06
N ARG A 58 -8.47 -16.73 -4.81
CA ARG A 58 -7.51 -16.47 -5.88
C ARG A 58 -7.19 -17.73 -6.67
N ALA A 59 -7.09 -18.88 -5.97
CA ALA A 59 -6.79 -20.16 -6.62
C ALA A 59 -7.96 -20.69 -7.45
N PHE A 60 -9.11 -20.01 -7.47
CA PHE A 60 -10.12 -20.15 -8.53
C PHE A 60 -10.06 -19.03 -9.56
N GLY A 61 -9.29 -17.96 -9.27
CA GLY A 61 -9.03 -16.92 -10.21
C GLY A 61 -9.80 -15.63 -10.01
N VAL A 62 -10.18 -15.31 -8.77
CA VAL A 62 -11.01 -14.15 -8.49
C VAL A 62 -10.12 -12.95 -8.26
N THR A 63 -10.42 -11.85 -8.95
CA THR A 63 -9.61 -10.63 -8.97
C THR A 63 -10.38 -9.46 -8.37
N ARG A 64 -9.62 -8.44 -8.00
CA ARG A 64 -10.18 -7.17 -7.57
C ARG A 64 -10.64 -6.36 -8.79
N SER A 65 -11.49 -5.36 -8.52
CA SER A 65 -12.16 -4.50 -9.51
C SER A 65 -13.27 -5.29 -10.19
N MET A 66 -13.02 -6.59 -10.40
CA MET A 66 -14.02 -7.58 -10.83
C MET A 66 -15.33 -7.40 -10.04
N TRP A 67 -16.47 -7.65 -10.67
CA TRP A 67 -17.79 -7.36 -10.09
C TRP A 67 -18.38 -8.64 -9.50
N ALA A 68 -18.74 -8.58 -8.21
CA ALA A 68 -19.18 -9.73 -7.41
C ALA A 68 -19.96 -10.76 -8.21
N ASP A 69 -20.99 -10.31 -8.94
CA ASP A 69 -21.81 -11.20 -9.76
C ASP A 69 -21.02 -11.85 -10.89
N ASP A 70 -19.81 -11.38 -11.17
CA ASP A 70 -18.95 -11.99 -12.19
C ASP A 70 -17.93 -12.98 -11.64
N ALA A 71 -17.44 -12.80 -10.40
CA ALA A 71 -16.67 -13.85 -9.74
C ALA A 71 -17.58 -15.00 -9.36
N LYS A 72 -18.85 -14.71 -9.08
CA LYS A 72 -19.82 -15.75 -8.82
C LYS A 72 -20.09 -16.54 -10.08
N LYS A 73 -19.49 -16.11 -11.18
CA LYS A 73 -19.35 -16.93 -12.37
C LYS A 73 -18.10 -17.81 -12.31
N LEU A 74 -16.97 -17.25 -11.83
CA LEU A 74 -15.73 -18.00 -11.67
C LEU A 74 -15.72 -18.83 -10.40
N CYS A 75 -16.37 -18.36 -9.35
CA CYS A 75 -16.22 -18.93 -8.01
C CYS A 75 -17.55 -19.34 -7.41
N PRO A 76 -17.78 -20.64 -7.21
CA PRO A 76 -19.03 -21.08 -6.55
C PRO A 76 -18.97 -20.91 -5.03
N ASP A 77 -17.81 -21.20 -4.45
CA ASP A 77 -17.57 -21.15 -3.01
C ASP A 77 -17.23 -19.74 -2.52
N LEU A 78 -17.69 -18.69 -3.18
CA LEU A 78 -17.20 -17.34 -2.90
C LEU A 78 -18.05 -16.67 -1.80
N LEU A 79 -18.03 -17.27 -0.60
CA LEU A 79 -18.63 -16.67 0.58
C LEU A 79 -18.25 -15.18 0.63
N LEU A 80 -19.20 -14.31 0.31
CA LEU A 80 -18.94 -12.90 0.05
C LEU A 80 -19.28 -12.07 1.30
N ALA A 81 -18.24 -11.67 2.03
CA ALA A 81 -18.40 -10.80 3.19
C ALA A 81 -18.54 -9.36 2.71
N GLN A 82 -19.74 -8.80 2.83
CA GLN A 82 -19.98 -7.44 2.37
C GLN A 82 -19.28 -6.45 3.25
N VAL A 83 -18.71 -5.43 2.61
CA VAL A 83 -18.22 -4.26 3.33
C VAL A 83 -19.39 -3.53 3.97
N ARG A 84 -19.21 -3.06 5.20
CA ARG A 84 -20.17 -2.15 5.78
C ARG A 84 -20.18 -0.85 4.98
N GLU A 85 -21.33 -0.51 4.39
CA GLU A 85 -21.53 0.78 3.74
C GLU A 85 -22.43 1.64 4.62
N SER A 86 -22.09 2.92 4.73
CA SER A 86 -22.83 3.80 5.60
C SER A 86 -22.73 5.21 5.03
N ARG A 87 -23.75 6.02 5.34
CA ARG A 87 -24.00 7.28 4.64
C ARG A 87 -23.83 7.12 3.14
N GLY A 88 -24.49 6.09 2.59
CA GLY A 88 -24.56 5.90 1.16
C GLY A 88 -23.26 5.51 0.48
N LYS A 89 -22.13 5.92 1.04
CA LYS A 89 -20.85 5.54 0.48
C LYS A 89 -20.21 4.38 1.24
N ALA A 90 -18.87 4.38 1.26
CA ALA A 90 -18.12 3.37 1.99
C ALA A 90 -18.10 3.69 3.48
N ASN A 91 -17.91 2.64 4.28
CA ASN A 91 -17.50 2.81 5.66
C ASN A 91 -16.38 1.81 5.93
N LEU A 92 -15.15 2.28 5.87
CA LEU A 92 -13.95 1.48 6.09
C LEU A 92 -13.46 1.57 7.54
N THR A 93 -14.36 1.64 8.51
CA THR A 93 -13.95 1.83 9.90
C THR A 93 -13.45 0.53 10.52
N LYS A 94 -14.05 -0.60 10.14
CA LYS A 94 -13.58 -1.90 10.58
C LYS A 94 -12.07 -2.00 10.41
N TYR A 95 -11.56 -1.45 9.30
CA TYR A 95 -10.23 -1.72 8.80
C TYR A 95 -9.23 -0.64 9.17
N ARG A 96 -9.59 0.63 8.95
CA ARG A 96 -8.73 1.73 9.39
C ARG A 96 -8.45 1.62 10.89
N GLU A 97 -9.39 1.04 11.66
CA GLU A 97 -9.17 0.79 13.08
C GLU A 97 -8.29 -0.44 13.33
N ALA A 98 -8.40 -1.48 12.50
CA ALA A 98 -7.43 -2.59 12.56
C ALA A 98 -6.05 -2.12 12.13
N SER A 99 -5.98 -1.40 11.01
CA SER A 99 -4.69 -0.92 10.51
C SER A 99 -3.94 -0.16 11.60
N VAL A 100 -4.64 0.63 12.40
CA VAL A 100 -3.95 1.32 13.48
C VAL A 100 -3.56 0.36 14.61
N GLU A 101 -4.22 -0.80 14.77
CA GLU A 101 -3.66 -1.83 15.65
C GLU A 101 -2.29 -2.27 15.13
N VAL A 102 -2.24 -2.69 13.87
CA VAL A 102 -1.07 -3.34 13.30
C VAL A 102 0.15 -2.41 13.30
N MET A 103 -0.05 -1.11 13.16
CA MET A 103 1.10 -0.22 13.08
C MET A 103 1.61 0.18 14.45
N GLU A 104 0.82 -0.03 15.49
CA GLU A 104 1.33 0.13 16.84
C GLU A 104 2.38 -0.94 17.14
N ILE A 105 2.06 -2.19 16.82
CA ILE A 105 3.00 -3.30 16.97
C ILE A 105 4.32 -2.99 16.29
N MET A 106 4.27 -2.71 14.98
CA MET A 106 5.49 -2.55 14.18
C MET A 106 6.38 -1.42 14.71
N SER A 107 5.81 -0.44 15.39
CA SER A 107 6.65 0.63 15.91
C SER A 107 7.28 0.26 17.24
N ARG A 108 6.86 -0.83 17.87
CA ARG A 108 7.58 -1.34 19.04
C ARG A 108 9.00 -1.79 18.69
N PHE A 109 9.34 -1.80 17.39
CA PHE A 109 10.64 -2.27 16.93
C PHE A 109 11.42 -1.13 16.27
N ALA A 110 10.95 -0.61 15.15
CA ALA A 110 11.59 0.52 14.51
C ALA A 110 10.52 1.54 14.14
N VAL A 111 10.94 2.78 13.95
CA VAL A 111 10.00 3.81 13.52
C VAL A 111 9.73 3.62 12.03
N ILE A 112 8.47 3.31 11.70
CA ILE A 112 8.07 2.87 10.38
C ILE A 112 7.49 4.07 9.62
N GLU A 113 7.11 3.85 8.35
CA GLU A 113 6.36 4.82 7.55
C GLU A 113 5.10 4.16 6.99
N ARG A 114 3.94 4.58 7.45
CA ARG A 114 2.71 4.04 6.91
C ARG A 114 2.64 4.19 5.39
N ALA A 115 2.30 3.12 4.70
CA ALA A 115 2.36 3.09 3.25
C ALA A 115 1.05 2.75 2.58
N SER A 116 0.05 2.29 3.35
CA SER A 116 -1.24 1.88 2.83
C SER A 116 -2.13 1.69 4.04
N ILE A 117 -3.38 1.28 3.81
CA ILE A 117 -4.17 0.72 4.91
C ILE A 117 -3.49 -0.53 5.46
N ASP A 118 -2.73 -1.25 4.62
CA ASP A 118 -2.31 -2.61 4.88
C ASP A 118 -0.81 -2.84 4.92
N GLU A 119 0.00 -1.85 4.58
CA GLU A 119 1.44 -2.08 4.57
C GLU A 119 2.18 -0.88 5.16
N ALA A 120 3.45 -1.11 5.48
CA ALA A 120 4.28 -0.07 6.09
C ALA A 120 5.75 -0.34 5.80
N TYR A 121 6.45 0.64 5.25
CA TYR A 121 7.89 0.53 5.16
C TYR A 121 8.47 0.77 6.54
N VAL A 122 9.60 0.13 6.82
CA VAL A 122 10.25 0.29 8.12
C VAL A 122 11.76 0.27 7.94
N ASP A 123 12.43 1.27 8.53
CA ASP A 123 13.90 1.37 8.54
C ASP A 123 14.42 0.63 9.75
N LEU A 124 15.18 -0.45 9.52
CA LEU A 124 15.75 -1.27 10.59
C LEU A 124 17.24 -1.02 10.79
N THR A 125 17.76 0.08 10.25
CA THR A 125 19.18 0.36 10.29
C THR A 125 19.68 0.46 11.74
N SER A 126 19.09 1.38 12.52
CA SER A 126 19.55 1.58 13.89
C SER A 126 19.47 0.29 14.71
N ALA A 127 18.32 -0.40 14.62
CA ALA A 127 18.10 -1.56 15.47
C ALA A 127 18.91 -2.77 15.03
N VAL A 128 19.47 -2.74 13.82
CA VAL A 128 20.39 -3.80 13.38
C VAL A 128 21.72 -3.66 14.10
N GLN A 129 22.25 -2.43 14.19
CA GLN A 129 23.38 -2.13 15.06
C GLN A 129 23.09 -2.40 16.54
N GLU A 130 21.81 -2.48 16.93
CA GLU A 130 21.46 -2.91 18.27
C GLU A 130 21.75 -4.40 18.45
N ARG A 131 21.14 -5.25 17.63
CA ARG A 131 21.30 -6.69 17.80
C ARG A 131 22.73 -7.14 17.50
N LEU A 132 23.35 -6.58 16.45
CA LEU A 132 24.67 -7.03 16.05
C LEU A 132 25.68 -6.87 17.18
N GLN A 133 25.54 -5.83 18.01
CA GLN A 133 26.41 -5.66 19.17
C GLN A 133 26.04 -6.62 20.28
N LYS A 134 24.73 -6.79 20.54
CA LYS A 134 24.25 -7.81 21.47
C LYS A 134 24.77 -9.19 21.11
N LEU A 135 25.12 -9.43 19.86
CA LEU A 135 25.87 -10.61 19.46
C LEU A 135 27.34 -10.39 19.75
N GLN A 136 27.98 -11.35 20.40
CA GLN A 136 29.43 -11.34 20.46
C GLN A 136 30.05 -11.91 19.20
N GLY A 137 29.23 -12.53 18.34
CA GLY A 137 29.67 -13.23 17.17
C GLY A 137 28.91 -14.53 17.03
N GLN A 138 27.98 -14.76 17.96
CA GLN A 138 27.18 -15.99 18.05
C GLN A 138 26.36 -16.20 16.77
N PRO A 139 26.80 -17.12 15.88
CA PRO A 139 26.21 -17.19 14.55
C PRO A 139 24.69 -17.34 14.58
N ILE A 140 24.05 -16.71 13.59
CA ILE A 140 22.59 -16.70 13.50
C ILE A 140 22.11 -18.05 12.98
N SER A 141 21.11 -18.62 13.65
CA SER A 141 20.64 -19.96 13.36
C SER A 141 19.31 -19.99 12.61
N ALA A 142 19.03 -21.15 11.99
CA ALA A 142 17.86 -21.31 11.13
C ALA A 142 16.57 -21.11 11.90
N ASP A 143 16.42 -21.82 13.03
CA ASP A 143 15.33 -21.71 13.99
C ASP A 143 14.84 -20.29 14.19
N LEU A 144 15.78 -19.33 14.24
CA LEU A 144 15.42 -17.93 14.42
C LEU A 144 14.65 -17.37 13.23
N LEU A 145 14.69 -18.04 12.08
CA LEU A 145 14.04 -17.60 10.85
C LEU A 145 13.20 -18.75 10.33
N PRO A 146 12.09 -19.06 11.02
CA PRO A 146 11.27 -20.22 10.61
C PRO A 146 10.52 -20.06 9.29
N SER A 147 10.50 -18.85 8.68
CA SER A 147 9.72 -18.65 7.45
C SER A 147 10.36 -17.66 6.48
N THR A 148 11.69 -17.63 6.35
CA THR A 148 12.39 -16.65 5.54
C THR A 148 12.95 -17.31 4.27
N TYR A 149 12.66 -16.72 3.10
CA TYR A 149 13.15 -17.22 1.82
C TYR A 149 14.27 -16.32 1.30
N ILE A 150 15.34 -16.96 0.79
CA ILE A 150 16.58 -16.29 0.43
C ILE A 150 16.68 -16.21 -1.10
N GLU A 151 16.49 -15.01 -1.65
CA GLU A 151 16.35 -14.86 -3.08
C GLU A 151 17.59 -15.38 -3.78
N GLY A 152 17.43 -16.43 -4.56
CA GLY A 152 18.50 -16.98 -5.37
C GLY A 152 19.26 -18.13 -4.76
N LEU A 153 18.61 -18.95 -3.94
CA LEU A 153 19.24 -20.05 -3.24
C LEU A 153 18.17 -21.13 -3.11
N PRO A 154 18.55 -22.41 -3.25
CA PRO A 154 19.91 -22.93 -3.42
C PRO A 154 20.43 -22.71 -4.85
N GLN A 155 21.64 -23.16 -5.18
CA GLN A 155 22.18 -22.94 -6.51
C GLN A 155 23.53 -23.64 -6.70
N GLY A 156 24.17 -23.36 -7.85
CA GLY A 156 25.41 -23.99 -8.25
C GLY A 156 25.20 -25.45 -8.60
N PRO A 157 26.18 -26.31 -8.25
CA PRO A 157 25.99 -27.75 -8.42
C PRO A 157 24.93 -28.35 -7.51
N THR A 158 23.79 -28.71 -8.09
CA THR A 158 22.69 -29.29 -7.32
C THR A 158 22.26 -30.67 -7.87
N THR A 163 14.75 -33.38 -3.37
CA THR A 163 13.43 -33.00 -2.84
C THR A 163 12.57 -32.39 -3.95
N VAL A 164 11.27 -32.28 -3.67
CA VAL A 164 10.40 -31.39 -4.45
C VAL A 164 9.59 -30.44 -3.58
N GLN A 165 9.39 -30.78 -2.29
CA GLN A 165 8.54 -30.01 -1.40
C GLN A 165 9.00 -28.56 -1.36
N LYS A 166 8.03 -27.65 -1.50
CA LYS A 166 8.30 -26.21 -1.51
C LYS A 166 9.02 -25.76 -0.24
N GLU A 167 8.79 -26.47 0.87
CA GLU A 167 9.28 -26.14 2.20
C GLU A 167 10.56 -26.90 2.57
N GLY A 168 10.99 -27.86 1.75
CA GLY A 168 12.32 -28.40 1.87
C GLY A 168 13.23 -27.51 1.05
N MET A 169 12.71 -27.06 -0.10
CA MET A 169 13.38 -26.02 -0.86
C MET A 169 13.87 -24.92 0.06
N ARG A 170 13.00 -24.47 0.99
CA ARG A 170 13.31 -23.29 1.78
C ARG A 170 14.41 -23.57 2.78
N LYS A 171 14.46 -24.78 3.32
CA LYS A 171 15.52 -25.11 4.26
C LYS A 171 16.87 -25.04 3.54
N GLN A 172 17.14 -25.98 2.62
CA GLN A 172 18.47 -26.03 2.00
C GLN A 172 18.87 -24.73 1.35
N GLY A 173 17.95 -23.76 1.25
CA GLY A 173 18.22 -22.45 0.69
C GLY A 173 18.62 -21.50 1.78
N LEU A 174 17.85 -21.47 2.87
CA LEU A 174 18.29 -20.74 4.07
C LEU A 174 19.63 -21.26 4.57
N PHE A 175 19.85 -22.57 4.46
CA PHE A 175 21.04 -23.22 5.00
C PHE A 175 22.32 -22.85 4.23
N GLN A 176 22.19 -22.59 2.92
CA GLN A 176 23.34 -22.12 2.14
C GLN A 176 23.75 -20.71 2.56
N TRP A 177 22.78 -19.81 2.66
CA TRP A 177 23.04 -18.41 2.97
C TRP A 177 23.80 -18.24 4.28
N LEU A 178 23.28 -18.84 5.36
CA LEU A 178 23.92 -18.68 6.66
C LEU A 178 25.35 -19.20 6.65
N ASP A 179 25.60 -20.36 6.02
CA ASP A 179 26.94 -20.95 6.08
C ASP A 179 27.97 -19.99 5.50
N SER A 180 27.63 -19.30 4.40
CA SER A 180 28.49 -18.26 3.82
C SER A 180 28.03 -16.91 4.38
N LEU A 181 28.52 -16.58 5.56
CA LEU A 181 28.08 -15.36 6.23
C LEU A 181 29.17 -14.94 7.21
N GLN A 182 29.50 -13.65 7.22
CA GLN A 182 30.60 -13.14 8.03
C GLN A 182 30.07 -12.66 9.37
N ILE A 183 29.82 -13.63 10.27
CA ILE A 183 29.20 -13.32 11.56
C ILE A 183 30.07 -12.46 12.45
N ASP A 184 31.34 -12.23 12.08
CA ASP A 184 32.22 -11.32 12.82
C ASP A 184 32.19 -9.93 12.23
N ASN A 185 32.66 -9.79 10.98
CA ASN A 185 32.60 -8.54 10.22
C ASN A 185 31.18 -7.95 10.26
N LEU A 186 30.83 -7.34 11.40
CA LEU A 186 29.56 -6.68 11.68
C LEU A 186 29.20 -5.61 10.67
N THR A 187 29.94 -5.40 9.57
CA THR A 187 29.62 -4.39 8.57
C THR A 187 29.20 -4.98 7.24
N SER A 188 29.25 -6.30 7.07
CA SER A 188 28.88 -6.88 5.79
C SER A 188 27.42 -6.57 5.50
N PRO A 189 27.09 -6.12 4.30
CA PRO A 189 25.68 -5.84 3.95
C PRO A 189 24.79 -7.07 4.04
N ASP A 190 25.37 -8.27 4.03
CA ASP A 190 24.57 -9.47 4.16
C ASP A 190 24.49 -10.00 5.60
N LEU A 191 25.28 -9.42 6.52
CA LEU A 191 25.08 -9.69 7.94
C LEU A 191 24.10 -8.72 8.59
N GLN A 192 24.03 -7.48 8.09
CA GLN A 192 23.03 -6.55 8.60
C GLN A 192 21.65 -6.87 8.06
N LEU A 193 21.56 -7.11 6.74
CA LEU A 193 20.35 -7.65 6.14
C LEU A 193 19.83 -8.86 6.89
N THR A 194 20.74 -9.63 7.52
CA THR A 194 20.39 -10.92 8.11
C THR A 194 19.94 -10.81 9.56
N VAL A 195 20.64 -10.03 10.39
CA VAL A 195 20.06 -9.59 11.65
C VAL A 195 18.70 -8.94 11.41
N GLY A 196 18.63 -8.05 10.42
CA GLY A 196 17.38 -7.35 10.14
C GLY A 196 16.22 -8.29 9.84
N ALA A 197 16.49 -9.37 9.08
CA ALA A 197 15.50 -10.40 8.78
C ALA A 197 15.06 -11.19 10.00
N VAL A 198 15.72 -11.02 11.13
CA VAL A 198 15.24 -11.59 12.39
C VAL A 198 14.25 -10.67 13.05
N ILE A 199 14.63 -9.39 13.17
CA ILE A 199 13.76 -8.38 13.78
C ILE A 199 12.38 -8.43 13.16
N VAL A 200 12.29 -8.87 11.91
CA VAL A 200 11.06 -8.94 11.14
C VAL A 200 10.30 -10.25 11.40
N GLU A 201 10.98 -11.39 11.55
CA GLU A 201 10.26 -12.57 12.01
C GLU A 201 9.67 -12.32 13.38
N GLU A 202 10.43 -11.60 14.24
CA GLU A 202 9.94 -11.23 15.58
C GLU A 202 8.88 -10.14 15.49
N MET A 203 9.07 -9.17 14.60
CA MET A 203 8.01 -8.23 14.28
C MET A 203 6.77 -8.94 13.82
N ARG A 204 6.89 -9.76 12.77
CA ARG A 204 5.71 -10.36 12.16
C ARG A 204 5.07 -11.42 13.04
N ALA A 205 5.86 -12.16 13.82
CA ALA A 205 5.26 -13.17 14.68
C ALA A 205 4.50 -12.55 15.83
N ALA A 206 4.98 -11.41 16.34
CA ALA A 206 4.25 -10.72 17.38
C ALA A 206 3.00 -10.02 16.85
N ILE A 207 2.90 -9.79 15.53
CA ILE A 207 1.68 -9.25 14.93
C ILE A 207 0.59 -10.33 15.06
N GLU A 208 0.73 -11.44 14.32
CA GLU A 208 -0.18 -12.57 14.45
C GLU A 208 -0.37 -12.98 15.91
N ARG A 209 0.60 -12.69 16.79
CA ARG A 209 0.40 -12.93 18.20
C ARG A 209 -0.73 -12.05 18.74
N GLU A 210 -0.59 -10.73 18.62
CA GLU A 210 -1.48 -9.76 19.25
C GLU A 210 -2.73 -9.43 18.44
N THR A 211 -2.85 -9.93 17.21
CA THR A 211 -3.98 -9.53 16.38
C THR A 211 -4.71 -10.74 15.85
N GLY A 212 -3.99 -11.83 15.62
CA GLY A 212 -4.49 -12.88 14.77
C GLY A 212 -4.35 -12.60 13.29
N PHE A 213 -3.76 -11.47 12.91
CA PHE A 213 -3.58 -11.11 11.51
C PHE A 213 -2.25 -11.65 10.98
N GLN A 214 -2.26 -12.15 9.75
CA GLN A 214 -1.08 -12.73 9.15
C GLN A 214 -0.47 -11.77 8.14
N CYS A 215 0.86 -11.70 8.17
CA CYS A 215 1.64 -10.75 7.40
C CYS A 215 2.77 -11.46 6.67
N SER A 216 3.18 -10.89 5.54
CA SER A 216 4.38 -11.27 4.82
C SER A 216 5.26 -10.03 4.76
N ALA A 217 6.56 -10.22 4.50
CA ALA A 217 7.49 -9.09 4.46
C ALA A 217 8.54 -9.31 3.38
N GLY A 218 9.34 -8.26 3.17
CA GLY A 218 10.45 -8.26 2.24
C GLY A 218 11.53 -7.35 2.78
N ILE A 219 12.79 -7.75 2.65
CA ILE A 219 13.90 -7.13 3.39
C ILE A 219 15.15 -7.03 2.52
N SER A 220 15.31 -5.91 1.84
CA SER A 220 16.55 -5.61 1.12
C SER A 220 17.25 -4.40 1.74
N HIS A 221 17.83 -3.54 0.90
CA HIS A 221 18.58 -2.39 1.39
C HIS A 221 17.89 -1.05 1.18
N ASN A 222 17.02 -0.94 0.17
CA ASN A 222 16.20 0.25 -0.06
C ASN A 222 14.71 -0.09 0.09
N LYS A 223 13.82 0.74 -0.46
CA LYS A 223 12.38 0.53 -0.30
C LYS A 223 11.72 -0.08 -1.53
N VAL A 224 12.31 0.11 -2.71
CA VAL A 224 11.75 -0.41 -3.95
C VAL A 224 11.99 -1.91 -4.03
N LEU A 225 13.08 -2.37 -3.41
CA LEU A 225 13.40 -3.79 -3.37
C LEU A 225 12.81 -4.49 -2.15
N ALA A 226 12.58 -3.77 -1.05
CA ALA A 226 11.84 -4.36 0.05
C ALA A 226 10.45 -4.79 -0.41
N LYS A 227 9.78 -3.95 -1.19
CA LYS A 227 8.49 -4.34 -1.71
C LYS A 227 8.62 -5.48 -2.69
N LEU A 228 9.60 -5.40 -3.59
CA LEU A 228 9.70 -6.41 -4.63
C LEU A 228 9.91 -7.80 -4.05
N ALA A 229 10.30 -7.88 -2.78
CA ALA A 229 10.59 -9.13 -2.09
C ALA A 229 9.52 -9.50 -1.10
N CYS A 230 8.82 -8.51 -0.54
CA CYS A 230 7.61 -8.81 0.22
C CYS A 230 6.73 -9.76 -0.56
N GLY A 231 6.29 -9.36 -1.76
CA GLY A 231 5.43 -10.17 -2.58
C GLY A 231 6.06 -11.28 -3.39
N LEU A 232 7.35 -11.52 -3.28
CA LEU A 232 7.91 -12.74 -3.87
C LEU A 232 7.24 -13.97 -3.27
N ASN A 233 7.42 -14.18 -1.97
CA ASN A 233 6.96 -15.36 -1.25
C ASN A 233 5.79 -15.02 -0.33
N LYS A 234 4.60 -15.48 -0.69
CA LYS A 234 3.36 -15.12 -0.04
C LYS A 234 2.38 -16.28 -0.18
N PRO A 235 1.64 -16.60 0.84
CA PRO A 235 1.53 -15.82 2.06
C PRO A 235 2.23 -16.44 3.23
N ASN A 236 2.56 -15.58 4.19
CA ASN A 236 2.89 -15.89 5.58
C ASN A 236 4.39 -16.05 5.80
N ARG A 237 5.17 -15.64 4.81
CA ARG A 237 6.62 -15.77 4.82
C ARG A 237 7.23 -14.42 4.48
N GLN A 238 8.52 -14.29 4.73
CA GLN A 238 9.30 -13.12 4.34
C GLN A 238 10.17 -13.46 3.14
N THR A 239 10.98 -12.50 2.72
CA THR A 239 12.04 -12.79 1.77
C THR A 239 13.09 -11.70 1.94
N LEU A 240 14.26 -12.10 2.39
CA LEU A 240 15.46 -11.29 2.20
C LEU A 240 15.83 -11.25 0.72
N VAL A 241 16.29 -10.09 0.26
CA VAL A 241 16.75 -9.93 -1.10
C VAL A 241 18.11 -9.28 -1.00
N SER A 242 19.14 -10.03 -1.39
CA SER A 242 20.51 -9.56 -1.37
C SER A 242 20.77 -8.68 -2.57
N HIS A 243 21.61 -7.66 -2.35
CA HIS A 243 22.16 -6.82 -3.41
C HIS A 243 22.86 -7.64 -4.50
N GLY A 244 23.15 -8.92 -4.25
CA GLY A 244 23.68 -9.81 -5.26
C GLY A 244 22.63 -10.64 -5.96
N SER A 245 21.52 -10.89 -5.28
CA SER A 245 20.37 -11.48 -5.95
C SER A 245 19.70 -10.48 -6.88
N VAL A 246 20.02 -9.19 -6.75
CA VAL A 246 19.41 -8.11 -7.51
C VAL A 246 19.61 -8.36 -9.00
N PRO A 247 20.84 -8.51 -9.50
CA PRO A 247 21.01 -8.68 -10.96
C PRO A 247 20.24 -9.86 -11.52
N GLN A 248 20.27 -11.00 -10.81
CA GLN A 248 19.50 -12.19 -11.11
C GLN A 248 18.01 -11.88 -11.24
N LEU A 249 17.38 -11.56 -10.10
CA LEU A 249 15.96 -11.20 -10.05
C LEU A 249 15.59 -10.10 -11.05
N PHE A 250 16.34 -9.00 -11.08
CA PHE A 250 15.96 -7.87 -11.94
C PHE A 250 15.94 -8.22 -13.41
N SER A 251 16.56 -9.35 -13.81
CA SER A 251 16.83 -9.61 -15.24
C SER A 251 15.58 -10.04 -15.99
N GLN A 252 14.75 -10.90 -15.38
CA GLN A 252 13.44 -11.21 -15.89
C GLN A 252 12.34 -10.35 -15.25
N MET A 253 12.72 -9.31 -14.50
CA MET A 253 11.74 -8.47 -13.80
C MET A 253 11.16 -7.42 -14.74
N PRO A 254 9.84 -7.34 -14.89
CA PRO A 254 9.26 -6.35 -15.80
C PRO A 254 9.28 -4.96 -15.20
N ILE A 255 9.74 -4.00 -16.01
CA ILE A 255 9.78 -2.60 -15.60
C ILE A 255 8.45 -2.17 -15.00
N ARG A 256 7.34 -2.56 -15.65
CA ARG A 256 6.00 -2.22 -15.18
C ARG A 256 5.79 -2.57 -13.71
N LYS A 257 6.62 -3.46 -13.16
CA LYS A 257 6.44 -3.87 -11.78
C LYS A 257 6.85 -2.78 -10.78
N ILE A 258 7.90 -2.02 -11.10
CA ILE A 258 8.59 -1.23 -10.09
C ILE A 258 7.75 -0.02 -9.69
N ARG A 259 7.69 0.24 -8.38
CA ARG A 259 6.96 1.38 -7.82
C ARG A 259 7.44 2.67 -8.44
N SER A 260 6.52 3.32 -9.18
CA SER A 260 6.64 4.58 -9.92
C SER A 260 6.35 4.26 -11.38
N LEU A 261 6.92 3.16 -11.86
CA LEU A 261 6.91 2.82 -13.27
C LEU A 261 5.71 1.96 -13.66
N GLY A 262 4.72 1.83 -12.79
CA GLY A 262 3.56 1.07 -13.18
C GLY A 262 2.69 1.73 -14.23
N GLY A 263 2.96 2.99 -14.58
CA GLY A 263 2.05 3.82 -15.36
C GLY A 263 2.55 4.37 -16.70
N LYS A 264 2.09 5.58 -17.05
CA LYS A 264 2.49 6.24 -18.29
C LYS A 264 4.00 6.29 -18.44
N LEU A 265 4.69 6.70 -17.38
CA LEU A 265 6.14 6.76 -17.41
C LEU A 265 6.73 5.40 -17.77
N GLY A 266 6.23 4.34 -17.13
CA GLY A 266 6.69 3.01 -17.44
C GLY A 266 6.81 2.77 -18.94
N ALA A 267 5.69 2.97 -19.65
CA ALA A 267 5.67 2.76 -21.09
C ALA A 267 6.80 3.52 -21.77
N SER A 268 6.96 4.80 -21.44
CA SER A 268 7.99 5.62 -22.08
C SER A 268 9.38 5.09 -21.75
N VAL A 269 9.60 4.69 -20.49
CA VAL A 269 10.84 4.02 -20.11
C VAL A 269 11.07 2.79 -21.00
N ILE A 270 10.00 2.02 -21.20
CA ILE A 270 10.05 0.85 -22.08
C ILE A 270 10.10 1.28 -23.54
N GLU A 271 9.12 2.10 -23.96
CA GLU A 271 9.02 2.45 -25.37
C GLU A 271 10.25 3.22 -25.84
N ILE A 272 10.59 4.31 -25.15
CA ILE A 272 11.65 5.22 -25.61
C ILE A 272 12.99 4.52 -25.62
N LEU A 273 13.23 3.61 -24.69
CA LEU A 273 14.49 2.88 -24.67
C LEU A 273 14.44 1.57 -25.46
N GLY A 274 13.24 1.05 -25.75
CA GLY A 274 13.14 -0.27 -26.37
C GLY A 274 13.66 -1.33 -25.43
N ILE A 275 12.84 -1.71 -24.44
CA ILE A 275 13.26 -2.48 -23.28
C ILE A 275 12.03 -3.25 -22.82
N GLU A 276 12.25 -4.26 -21.96
CA GLU A 276 11.14 -4.91 -21.28
C GLU A 276 11.48 -5.36 -19.87
N TYR A 277 12.66 -5.03 -19.34
CA TYR A 277 13.12 -5.57 -18.07
C TYR A 277 13.98 -4.56 -17.33
N MET A 278 13.96 -4.66 -16.00
CA MET A 278 14.74 -3.75 -15.18
C MET A 278 16.22 -3.82 -15.52
N GLY A 279 16.75 -5.04 -15.72
CA GLY A 279 18.18 -5.20 -15.87
C GLY A 279 18.75 -4.52 -17.10
N GLU A 280 17.93 -4.36 -18.15
CA GLU A 280 18.47 -3.76 -19.36
C GLU A 280 18.74 -2.26 -19.21
N LEU A 281 18.29 -1.63 -18.13
CA LEU A 281 18.60 -0.24 -17.86
C LEU A 281 20.08 0.00 -17.51
N THR A 282 20.82 -1.08 -17.21
CA THR A 282 22.19 -0.96 -16.70
C THR A 282 23.12 -0.30 -17.71
N GLN A 283 22.84 -0.51 -19.00
CA GLN A 283 23.77 -0.20 -20.09
C GLN A 283 23.79 1.28 -20.48
N PHE A 284 22.82 2.06 -20.00
CA PHE A 284 22.73 3.48 -20.29
C PHE A 284 23.28 4.25 -19.09
N THR A 285 24.33 5.04 -19.30
CA THR A 285 24.89 5.81 -18.20
C THR A 285 23.96 6.95 -17.81
N GLU A 286 24.27 7.58 -16.68
CA GLU A 286 23.26 8.35 -15.97
C GLU A 286 22.91 9.64 -16.71
N SER A 287 23.91 10.46 -17.03
CA SER A 287 23.67 11.68 -17.81
C SER A 287 23.12 11.33 -19.20
N GLN A 288 23.62 10.23 -19.79
CA GLN A 288 22.97 9.59 -20.92
C GLN A 288 21.47 9.40 -20.67
N LEU A 289 21.13 8.76 -19.55
CA LEU A 289 19.73 8.49 -19.22
C LEU A 289 18.95 9.78 -19.01
N GLN A 290 19.56 10.76 -18.36
CA GLN A 290 18.82 11.96 -17.95
C GLN A 290 18.24 12.69 -19.15
N SER A 291 18.83 12.51 -20.33
CA SER A 291 18.41 13.25 -21.50
C SER A 291 17.06 12.79 -22.05
N HIS A 292 16.56 11.62 -21.65
CA HIS A 292 15.29 11.14 -22.17
C HIS A 292 14.15 11.22 -21.16
N PHE A 293 14.43 11.58 -19.91
CA PHE A 293 13.37 11.52 -18.91
C PHE A 293 13.45 12.71 -17.94
N GLY A 294 14.66 13.17 -17.62
CA GLY A 294 14.85 14.30 -16.74
C GLY A 294 16.11 14.15 -15.91
N GLU A 295 16.40 15.22 -15.15
CA GLU A 295 17.57 15.23 -14.27
C GLU A 295 17.36 14.39 -13.02
N LYS A 296 16.12 14.17 -12.61
CA LYS A 296 15.82 13.33 -11.46
C LYS A 296 15.48 11.90 -11.86
N ASN A 297 14.90 11.69 -13.04
CA ASN A 297 14.58 10.33 -13.44
C ASN A 297 15.83 9.55 -13.85
N GLY A 298 16.78 10.21 -14.51
CA GLY A 298 17.99 9.52 -14.87
C GLY A 298 18.83 9.22 -13.64
N SER A 299 18.97 10.22 -12.77
CA SER A 299 19.65 10.02 -11.50
C SER A 299 19.05 8.88 -10.68
N TRP A 300 17.81 8.49 -10.99
CA TRP A 300 17.03 7.51 -10.26
C TRP A 300 16.99 6.16 -10.96
N LEU A 301 16.46 6.13 -12.18
CA LEU A 301 16.38 4.91 -13.01
C LEU A 301 17.75 4.36 -13.40
N TYR A 302 18.84 5.09 -13.11
CA TYR A 302 20.18 4.53 -13.26
C TYR A 302 20.53 3.62 -12.09
N ALA A 303 20.64 4.20 -10.90
CA ALA A 303 21.01 3.42 -9.73
C ALA A 303 19.93 2.43 -9.35
N MET A 304 18.78 2.47 -10.02
CA MET A 304 17.70 1.54 -9.69
C MET A 304 18.00 0.14 -10.19
N CYS A 305 18.20 -0.02 -11.50
CA CYS A 305 18.69 -1.29 -12.04
C CYS A 305 20.01 -1.73 -11.41
N ARG A 306 20.68 -0.88 -10.63
CA ARG A 306 21.74 -1.31 -9.75
C ARG A 306 21.27 -1.48 -8.32
N GLY A 307 19.97 -1.69 -8.13
CA GLY A 307 19.41 -1.94 -6.81
C GLY A 307 19.80 -0.89 -5.78
N ILE A 308 19.92 0.36 -6.23
CA ILE A 308 20.21 1.49 -5.36
C ILE A 308 19.12 2.55 -5.56
N GLU A 309 18.33 2.75 -4.52
CA GLU A 309 17.40 3.86 -4.38
C GLU A 309 17.67 4.46 -3.01
N HIS A 310 17.54 5.77 -2.88
CA HIS A 310 17.71 6.41 -1.59
C HIS A 310 16.45 7.14 -1.13
N ASP A 311 15.27 6.62 -1.46
CA ASP A 311 14.09 7.18 -0.81
C ASP A 311 14.11 6.77 0.65
N PRO A 312 14.04 7.71 1.59
CA PRO A 312 14.09 7.36 3.02
C PRO A 312 12.73 6.92 3.55
N VAL A 313 12.78 6.05 4.54
CA VAL A 313 11.57 5.60 5.21
C VAL A 313 11.08 6.75 6.09
N LYS A 314 10.12 7.50 5.57
CA LYS A 314 9.69 8.75 6.21
C LYS A 314 8.88 8.48 7.47
N PRO A 315 9.36 8.88 8.62
CA PRO A 315 8.73 8.46 9.87
C PRO A 315 7.33 9.02 10.08
N ARG A 316 6.30 8.20 9.88
CA ARG A 316 4.92 8.68 9.83
C ARG A 316 3.96 7.51 9.95
N GLN A 317 3.13 7.49 11.00
CA GLN A 317 1.98 6.58 11.08
C GLN A 317 0.67 7.33 10.82
N LEU A 318 0.35 8.32 11.63
CA LEU A 318 -0.83 9.15 11.41
C LEU A 318 -0.64 9.93 10.11
N PRO A 319 -1.43 9.69 9.08
CA PRO A 319 -1.15 10.33 7.78
C PRO A 319 -1.31 11.85 7.77
N LYS A 320 -1.66 12.36 6.60
CA LYS A 320 -2.21 13.69 6.37
C LYS A 320 -3.54 13.50 5.65
N THR A 321 -4.15 14.60 5.23
CA THR A 321 -5.39 14.61 4.44
C THR A 321 -6.42 13.55 4.81
N ILE A 322 -7.36 13.87 5.70
CA ILE A 322 -8.52 13.00 5.90
C ILE A 322 -9.51 13.26 4.78
N GLY A 323 -9.94 12.20 4.09
CA GLY A 323 -10.72 12.35 2.88
C GLY A 323 -11.91 11.41 2.83
N CYS A 324 -12.94 11.85 2.10
CA CYS A 324 -14.22 11.13 2.00
CA CYS A 324 -14.19 11.11 1.99
C CYS A 324 -14.82 11.38 0.63
N SER A 325 -15.04 10.32 -0.15
CA SER A 325 -15.37 10.43 -1.57
CA SER A 325 -15.40 10.47 -1.56
C SER A 325 -16.59 9.58 -1.91
N LYS A 326 -17.28 9.97 -2.97
CA LYS A 326 -18.45 9.24 -3.45
C LYS A 326 -18.64 9.57 -4.93
N ASN A 327 -18.66 8.53 -5.75
CA ASN A 327 -18.89 8.64 -7.18
C ASN A 327 -20.39 8.52 -7.46
N PHE A 328 -20.81 9.12 -8.56
CA PHE A 328 -22.18 9.06 -9.04
C PHE A 328 -22.14 8.82 -10.54
N PRO A 329 -21.92 7.57 -10.95
CA PRO A 329 -21.66 7.29 -12.37
C PRO A 329 -22.92 7.19 -13.22
N GLY A 330 -22.82 7.74 -14.43
CA GLY A 330 -23.82 7.60 -15.48
C GLY A 330 -25.16 8.19 -15.13
N LYS A 331 -26.16 7.32 -14.99
CA LYS A 331 -27.53 7.73 -14.68
C LYS A 331 -27.66 8.30 -13.27
N THR A 332 -26.70 8.00 -12.38
CA THR A 332 -26.75 8.51 -11.02
C THR A 332 -26.43 9.99 -10.98
N ALA A 333 -25.46 10.44 -11.80
CA ALA A 333 -24.89 11.79 -11.82
C ALA A 333 -25.81 12.88 -11.28
N LEU A 334 -25.32 13.65 -10.31
CA LEU A 334 -26.18 14.61 -9.62
C LEU A 334 -26.30 15.88 -10.45
N ALA A 335 -27.51 16.13 -10.94
CA ALA A 335 -27.88 17.38 -11.60
C ALA A 335 -29.10 17.93 -10.87
N THR A 336 -28.86 18.77 -9.87
CA THR A 336 -29.88 19.36 -9.00
C THR A 336 -29.19 20.14 -7.89
N ARG A 337 -29.62 21.37 -7.62
CA ARG A 337 -29.08 22.07 -6.45
C ARG A 337 -29.29 21.24 -5.19
N GLU A 338 -30.54 20.83 -4.95
CA GLU A 338 -30.88 20.14 -3.71
C GLU A 338 -30.06 18.87 -3.50
N GLN A 339 -29.69 18.18 -4.58
CA GLN A 339 -28.88 16.98 -4.44
C GLN A 339 -27.48 17.32 -3.94
N VAL A 340 -26.80 18.25 -4.62
CA VAL A 340 -25.40 18.54 -4.35
C VAL A 340 -25.20 19.27 -3.04
N GLN A 341 -26.30 19.55 -2.33
CA GLN A 341 -26.21 19.95 -0.93
C GLN A 341 -26.29 18.76 0.00
N TRP A 342 -27.16 17.79 -0.31
CA TRP A 342 -27.36 16.63 0.56
C TRP A 342 -26.15 15.69 0.50
N TRP A 343 -25.64 15.44 -0.70
CA TRP A 343 -24.42 14.66 -0.84
C TRP A 343 -23.23 15.40 -0.25
N LEU A 344 -23.14 16.72 -0.49
CA LEU A 344 -22.11 17.49 0.20
C LEU A 344 -22.25 17.38 1.71
N LEU A 345 -23.48 17.41 2.22
CA LEU A 345 -23.71 17.22 3.65
C LEU A 345 -23.28 15.83 4.08
N GLN A 346 -23.89 14.80 3.48
CA GLN A 346 -23.58 13.44 3.87
C GLN A 346 -22.08 13.13 3.72
N LEU A 347 -21.40 13.79 2.77
CA LEU A 347 -19.94 13.75 2.72
C LEU A 347 -19.35 14.55 3.87
N ALA A 348 -19.88 15.74 4.13
CA ALA A 348 -19.42 16.61 5.22
C ALA A 348 -19.69 16.04 6.60
N GLN A 349 -20.54 15.00 6.72
CA GLN A 349 -20.81 14.42 8.02
C GLN A 349 -19.88 13.25 8.34
N GLU A 350 -19.47 12.49 7.33
CA GLU A 350 -18.49 11.44 7.57
C GLU A 350 -17.11 12.03 7.82
N LEU A 351 -16.78 13.11 7.11
CA LEU A 351 -15.60 13.87 7.47
C LEU A 351 -15.68 14.28 8.94
N GLU A 352 -16.85 14.78 9.37
CA GLU A 352 -17.05 15.15 10.77
C GLU A 352 -16.80 13.98 11.70
N GLU A 353 -17.21 12.77 11.29
CA GLU A 353 -17.02 11.58 12.12
C GLU A 353 -15.55 11.17 12.17
N ARG A 354 -14.85 11.26 11.02
CA ARG A 354 -13.43 10.91 10.97
C ARG A 354 -12.59 11.94 11.74
N LEU A 355 -12.79 13.22 11.43
CA LEU A 355 -11.94 14.30 11.93
C LEU A 355 -11.98 14.42 13.45
N THR A 356 -13.09 14.06 14.08
CA THR A 356 -13.07 14.07 15.55
C THR A 356 -12.21 12.93 16.07
N LYS A 357 -12.47 11.70 15.61
CA LYS A 357 -11.66 10.53 15.97
C LYS A 357 -10.19 10.72 15.63
N ASP A 358 -9.87 11.62 14.71
CA ASP A 358 -8.51 12.12 14.66
C ASP A 358 -8.21 12.84 15.97
N ARG A 359 -8.88 13.99 16.21
CA ARG A 359 -8.29 15.02 17.08
C ARG A 359 -8.00 14.51 18.47
N ASN A 360 -8.82 13.61 18.99
CA ASN A 360 -8.55 13.07 20.31
C ASN A 360 -7.39 12.10 20.30
N ASP A 361 -7.19 11.42 19.18
CA ASP A 361 -6.24 10.32 19.15
C ASP A 361 -4.85 10.77 18.75
N ASN A 362 -4.77 11.89 18.04
CA ASN A 362 -3.56 12.22 17.29
C ASN A 362 -3.03 13.63 17.53
N ASP A 363 -3.80 14.53 18.17
CA ASP A 363 -3.32 15.85 18.59
C ASP A 363 -3.08 16.79 17.42
N ARG A 364 -4.08 16.98 16.56
CA ARG A 364 -3.93 17.86 15.39
C ARG A 364 -5.30 18.28 14.88
N VAL A 365 -5.44 19.55 14.51
CA VAL A 365 -6.63 20.05 13.84
C VAL A 365 -6.29 20.39 12.39
N ALA A 366 -7.07 19.87 11.45
CA ALA A 366 -6.91 20.28 10.07
C ALA A 366 -7.46 21.68 9.88
N THR A 367 -6.71 22.52 9.16
CA THR A 367 -7.11 23.88 8.84
C THR A 367 -7.52 24.08 7.39
N GLN A 368 -7.42 23.05 6.55
CA GLN A 368 -7.69 23.19 5.14
C GLN A 368 -8.87 22.30 4.78
N LEU A 369 -9.45 22.56 3.61
CA LEU A 369 -10.62 21.81 3.14
C LEU A 369 -10.69 21.95 1.63
N VAL A 370 -10.59 20.82 0.94
CA VAL A 370 -10.47 20.76 -0.51
C VAL A 370 -11.70 20.06 -1.05
N VAL A 371 -12.53 20.80 -1.80
CA VAL A 371 -13.68 20.24 -2.50
C VAL A 371 -13.25 19.89 -3.91
N SER A 372 -13.72 18.75 -4.42
CA SER A 372 -13.50 18.41 -5.80
C SER A 372 -14.80 17.90 -6.38
N ILE A 373 -14.90 18.00 -7.71
CA ILE A 373 -16.02 17.47 -8.47
C ILE A 373 -15.49 16.84 -9.75
N ARG A 374 -16.38 16.12 -10.43
CA ARG A 374 -16.18 15.73 -11.82
C ARG A 374 -17.51 15.94 -12.54
N VAL A 375 -17.44 16.21 -13.83
CA VAL A 375 -18.63 16.54 -14.62
C VAL A 375 -18.91 15.43 -15.62
N GLN A 376 -20.21 15.24 -15.89
CA GLN A 376 -20.67 14.21 -16.83
C GLN A 376 -20.14 14.50 -18.22
N GLY A 377 -18.86 14.19 -18.45
CA GLY A 377 -18.20 14.53 -19.70
C GLY A 377 -16.73 14.84 -19.53
N ASP A 378 -16.12 14.29 -18.48
CA ASP A 378 -14.69 14.32 -18.31
C ASP A 378 -14.22 12.93 -17.87
N LYS A 379 -13.03 12.58 -18.33
CA LYS A 379 -12.34 11.36 -17.91
C LYS A 379 -11.51 11.56 -16.65
N ARG A 380 -11.00 12.77 -16.43
CA ARG A 380 -10.08 13.01 -15.33
C ARG A 380 -10.74 12.71 -13.98
N LEU A 381 -10.12 11.81 -13.19
CA LEU A 381 -10.56 11.50 -11.84
C LEU A 381 -11.05 12.76 -11.12
N SER A 382 -10.34 13.87 -11.27
CA SER A 382 -10.83 15.15 -10.76
C SER A 382 -10.78 16.18 -11.88
N SER A 383 -11.84 17.01 -11.94
CA SER A 383 -11.96 18.04 -12.97
C SER A 383 -11.92 19.45 -12.37
N LEU A 384 -11.69 19.57 -11.06
CA LEU A 384 -11.76 20.86 -10.36
C LEU A 384 -11.42 20.74 -8.89
N ARG A 385 -10.25 21.20 -8.48
CA ARG A 385 -9.89 21.26 -7.08
C ARG A 385 -10.09 22.68 -6.55
N ARG A 386 -10.81 22.81 -5.43
CA ARG A 386 -11.15 24.10 -4.87
C ARG A 386 -11.10 24.00 -3.35
N CYS A 387 -10.70 25.11 -2.70
CA CYS A 387 -10.17 25.06 -1.34
C CYS A 387 -10.63 26.27 -0.52
N CYS A 388 -10.75 26.07 0.80
CA CYS A 388 -11.37 27.03 1.71
C CYS A 388 -11.05 26.65 3.15
N ALA A 389 -10.73 27.64 3.98
CA ALA A 389 -10.15 27.35 5.30
C ALA A 389 -11.17 26.65 6.18
N LEU A 390 -10.88 25.39 6.50
CA LEU A 390 -11.61 24.65 7.54
C LEU A 390 -11.30 25.28 8.89
N THR A 391 -12.32 25.85 9.52
CA THR A 391 -12.17 26.53 10.81
C THR A 391 -12.79 25.75 11.95
N ARG A 392 -13.95 25.16 11.73
CA ARG A 392 -14.70 24.47 12.77
C ARG A 392 -15.07 23.08 12.27
N TYR A 393 -14.92 22.09 13.14
CA TYR A 393 -15.37 20.75 12.78
C TYR A 393 -16.90 20.69 12.79
N ASP A 394 -17.55 21.38 11.85
CA ASP A 394 -19.00 21.37 11.71
C ASP A 394 -19.39 20.82 10.33
N ALA A 395 -20.24 19.81 10.32
CA ALA A 395 -20.73 19.28 9.04
C ALA A 395 -21.51 20.35 8.30
N HIS A 396 -22.47 20.97 8.97
CA HIS A 396 -23.33 21.94 8.29
C HIS A 396 -22.54 23.16 7.84
N LYS A 397 -21.47 23.53 8.56
CA LYS A 397 -20.58 24.56 8.04
C LYS A 397 -19.83 24.02 6.83
N MET A 398 -19.07 22.94 7.02
CA MET A 398 -18.33 22.34 5.92
C MET A 398 -19.23 22.06 4.74
N SER A 399 -20.46 21.61 5.00
CA SER A 399 -21.41 21.37 3.93
C SER A 399 -21.74 22.66 3.18
N HIS A 400 -22.03 23.74 3.89
CA HIS A 400 -22.36 24.98 3.20
C HIS A 400 -21.10 25.76 2.82
N ASP A 401 -20.02 25.62 3.60
CA ASP A 401 -18.71 26.06 3.12
C ASP A 401 -18.53 25.62 1.68
N ALA A 402 -18.63 24.32 1.46
CA ALA A 402 -18.27 23.68 0.21
C ALA A 402 -19.25 23.97 -0.93
N PHE A 403 -20.45 24.49 -0.66
CA PHE A 403 -21.30 24.82 -1.81
C PHE A 403 -20.88 26.13 -2.43
N THR A 404 -20.74 27.17 -1.60
CA THR A 404 -20.17 28.44 -2.05
C THR A 404 -18.93 28.22 -2.92
N VAL A 405 -18.08 27.27 -2.52
CA VAL A 405 -16.81 27.11 -3.21
C VAL A 405 -16.98 26.57 -4.62
N ILE A 406 -18.10 25.92 -4.91
CA ILE A 406 -18.20 25.21 -6.19
C ILE A 406 -19.39 25.68 -7.01
N LYS A 407 -20.41 26.22 -6.35
CA LYS A 407 -21.61 26.73 -7.03
C LYS A 407 -21.24 27.45 -8.31
N ASN A 408 -20.12 28.18 -8.29
CA ASN A 408 -19.65 28.96 -9.42
C ASN A 408 -19.25 28.11 -10.62
N CYS A 409 -19.72 26.85 -10.65
CA CYS A 409 -19.50 25.98 -11.79
C CYS A 409 -20.79 25.64 -12.53
N ASN A 410 -21.96 25.84 -11.91
CA ASN A 410 -23.22 25.48 -12.54
C ASN A 410 -23.48 26.35 -13.77
N THR A 411 -23.06 25.87 -14.94
CA THR A 411 -23.28 26.57 -16.20
C THR A 411 -24.75 26.55 -16.57
N SER A 412 -25.56 27.33 -15.85
CA SER A 412 -27.00 27.24 -16.00
C SER A 412 -27.59 28.61 -15.76
N GLY A 413 -28.85 28.77 -16.18
CA GLY A 413 -29.69 29.86 -15.73
C GLY A 413 -30.76 29.24 -14.87
N ILE A 414 -30.95 27.94 -15.11
CA ILE A 414 -31.78 27.05 -14.31
C ILE A 414 -31.10 26.87 -12.96
N GLN A 415 -31.43 27.76 -12.01
CA GLN A 415 -31.06 27.58 -10.61
C GLN A 415 -31.99 26.60 -9.90
N THR A 416 -32.89 25.94 -10.63
CA THR A 416 -33.64 24.83 -10.07
C THR A 416 -32.90 23.51 -10.20
N GLU A 417 -31.95 23.40 -11.13
CA GLU A 417 -31.17 22.18 -11.31
C GLU A 417 -29.68 22.50 -11.37
N TRP A 418 -28.90 21.57 -11.92
CA TRP A 418 -27.45 21.69 -12.06
C TRP A 418 -27.02 21.32 -13.49
N SER A 419 -26.22 22.18 -14.10
CA SER A 419 -25.84 22.06 -15.51
C SER A 419 -24.32 22.20 -15.62
N PRO A 420 -23.60 21.13 -16.01
CA PRO A 420 -24.06 19.77 -16.28
C PRO A 420 -23.82 18.78 -15.13
N PRO A 421 -24.66 17.71 -15.07
CA PRO A 421 -24.57 16.70 -14.00
C PRO A 421 -23.18 16.37 -13.50
N LEU A 422 -23.06 16.21 -12.18
CA LEU A 422 -21.81 15.87 -11.53
C LEU A 422 -21.70 14.37 -11.37
N THR A 423 -20.53 13.82 -11.69
CA THR A 423 -20.26 12.40 -11.54
C THR A 423 -19.25 12.10 -10.43
N MET A 424 -18.94 13.09 -9.59
CA MET A 424 -18.09 12.85 -8.44
C MET A 424 -18.17 14.04 -7.50
N LEU A 425 -17.80 13.78 -6.25
CA LEU A 425 -17.82 14.76 -5.19
C LEU A 425 -16.78 14.26 -4.20
N PHE A 426 -15.93 15.17 -3.71
CA PHE A 426 -14.86 14.76 -2.81
C PHE A 426 -14.54 15.89 -1.83
N LEU A 427 -14.54 15.54 -0.54
CA LEU A 427 -14.15 16.42 0.56
C LEU A 427 -12.91 15.88 1.23
N CYS A 428 -11.88 16.72 1.36
CA CYS A 428 -10.61 16.26 1.93
C CYS A 428 -9.99 17.34 2.83
N ALA A 429 -9.74 17.01 4.09
CA ALA A 429 -9.17 17.95 5.05
C ALA A 429 -7.66 17.75 5.14
N THR A 430 -6.89 18.75 4.74
CA THR A 430 -5.44 18.72 4.82
C THR A 430 -4.94 19.85 5.71
N LYS A 431 -3.62 19.92 5.89
CA LYS A 431 -2.96 20.92 6.72
C LYS A 431 -3.38 20.77 8.18
N PHE A 432 -3.01 19.62 8.73
CA PHE A 432 -3.16 19.34 10.15
C PHE A 432 -2.21 20.20 10.98
N SER A 433 -2.65 20.54 12.20
CA SER A 433 -1.89 21.41 13.09
C SER A 433 -1.22 20.59 14.20
N ALA A 434 -0.81 21.27 15.28
CA ALA A 434 -0.34 20.62 16.50
C ALA A 434 -1.32 21.02 17.60
N SER A 435 -2.30 20.14 17.84
CA SER A 435 -3.40 20.39 18.77
C SER A 435 -3.11 19.80 20.16
P A1A0L B 4 -17.13 3.57 -10.62
OP1 A1A0L B 4 -16.44 4.82 -10.08
OP2 A1A0L B 4 -18.03 3.96 -11.78
N1 A1A0L B 4 -16.84 2.05 -6.44
C6 A1A0L B 4 -16.00 2.63 -7.27
C2 A1A0L B 4 -16.52 0.89 -5.87
O2 A1A0L B 4 -17.42 0.14 -5.47
N3 A1A0L B 4 -15.23 0.58 -5.78
C4 A1A0L B 4 -14.30 1.45 -6.15
O4 A1A0L B 4 -13.20 1.49 -5.65
C5 A1A0L B 4 -14.65 2.33 -7.16
C4' A1A0L B 4 -19.89 2.36 -8.15
O4' A1A0L B 4 -19.16 1.53 -7.47
C3' A1A0L B 4 -18.87 3.43 -8.55
O3' A1A0L B 4 -18.02 2.84 -9.43
C2' A1A0L B 4 -18.10 3.61 -7.22
O2' A1A0L B 4 -18.35 4.83 -6.35
C1' A1A0L B 4 -18.21 2.50 -6.57
C1 A1A0L B 4 -12.85 0.54 -4.58
C3 A1A0L B 4 -13.67 2.85 -8.19
N1 DZ4 D . -9.19 -0.36 -4.73
C2 DZ4 D . -9.68 -0.26 -3.47
N3 DZ4 D . -9.12 -0.99 -2.47
C4 DZ4 D . -8.09 -1.81 -2.72
C5 DZ4 D . -7.62 -1.93 -3.98
C6 DZ4 D . -8.17 -1.19 -4.98
N6 DZ4 D . -7.89 -1.09 -6.41
N7 DZ4 D . -6.60 -2.81 -3.97
C8 DZ4 D . -6.44 -3.27 -2.70
N9 DZ4 D . -7.35 -2.66 -1.93
PA DZ4 D . -3.48 -5.06 -1.30
PB DZ4 D . -3.88 -7.69 0.02
PG DZ4 D . -1.92 -9.42 -0.90
C1' DZ4 D . -7.67 -2.70 -0.62
O1A DZ4 D . -2.30 -4.39 -0.70
O1B DZ4 D . -3.26 -7.20 1.30
O1G DZ4 D . -1.54 -10.85 -0.54
C2' DZ4 D . -8.22 -4.05 -0.19
O2A DZ4 D . -3.73 -4.50 -2.69
O2B DZ4 D . -5.37 -7.63 0.07
O2G DZ4 D . -1.99 -9.13 -2.34
C3' DZ4 D . -7.23 -4.67 0.42
O3' DZ4 D . -7.73 -5.53 1.52
N3A DZ4 D . -3.24 -6.75 -1.36
O3B DZ4 D . -3.44 -9.22 -0.25
O3G DZ4 D . -0.95 -8.49 -0.30
C4' DZ4 D . -6.26 -3.54 1.02
O4' DZ4 D . -6.40 -2.48 0.27
C5' DZ4 D . -4.85 -4.06 0.86
O5' DZ4 D . -4.82 -4.94 -0.27
MG MG E . -2.04 -6.19 2.01
MG MG F . -0.77 -3.48 -0.54
#